data_6HKP
#
_entry.id   6HKP
#
_cell.length_a   86.020
_cell.length_b   86.020
_cell.length_c   148.508
_cell.angle_alpha   90.00
_cell.angle_beta   90.00
_cell.angle_gamma   90.00
#
_symmetry.space_group_name_H-M   'P 41 21 2'
#
loop_
_entity.id
_entity.type
_entity.pdbx_description
1 polymer 'Hypoxia-inducible factor 1-alpha inhibitor'
2 polymer 'Apoptosis-stimulating of p53 protein 2'
3 non-polymer 'SULFATE ION'
4 non-polymer GLYCEROL
5 non-polymer N-OXALYLGLYCINE
6 non-polymer 'ZINC ION'
7 water water
#
loop_
_entity_poly.entity_id
_entity_poly.type
_entity_poly.pdbx_seq_one_letter_code
_entity_poly.pdbx_strand_id
1 'polypeptide(L)'
;SMAATAAEAVASGSGEPREEAGALGPAWDESQLRSYSFPTRPIPRLSQSDPRAEELIENEEPVVLTDTNLVYPALKWDLE
YLQENIGNGDFSVYSASTHKFLYYDEKKMANFQNFKPRSNREEMKFHEFVEKLQDIQQRGGEERLYLQQTLNDTVGRKIV
MDFLGFNWNWINKQQGKRGWGQLTSNLLLIGMEGNVTPAHYDEQQNFFAQIKGYKRCILFPPDQFECLYPYPVHHPCDRQ
SQVDFDNPDYERFPNFQNVVGYETVVGPGDVLYIPMYWWHHIESLLNGGITITVNFWYKGAPTPKRIEYPLKAHQKVAIM
RNIEKMLGEALGNPQEVGPLLNTMIKGRYN
;
A
2 'polypeptide(L)' GHTEIVKFLVQFGVNVNAADSDG S
#
loop_
_chem_comp.id
_chem_comp.type
_chem_comp.name
_chem_comp.formula
GOL non-polymer GLYCEROL 'C3 H8 O3'
OGA non-polymer N-OXALYLGLYCINE 'C4 H5 N O5'
SO4 non-polymer 'SULFATE ION' 'O4 S -2'
ZN non-polymer 'ZINC ION' 'Zn 2'
#
# COMPACT_ATOMS: atom_id res chain seq x y z
N GLY A 13 -10.70 5.87 -15.63
CA GLY A 13 -11.41 5.46 -14.44
C GLY A 13 -11.13 6.35 -13.25
N SER A 14 -10.02 7.09 -13.32
CA SER A 14 -9.64 7.99 -12.25
C SER A 14 -10.66 9.09 -12.08
N GLY A 15 -11.14 9.60 -13.21
CA GLY A 15 -12.12 10.67 -13.24
C GLY A 15 -11.53 11.91 -13.89
N GLU A 16 -12.36 12.92 -14.10
CA GLU A 16 -11.85 14.14 -14.69
C GLU A 16 -10.91 14.79 -13.68
N PRO A 17 -9.81 15.35 -14.14
CA PRO A 17 -8.88 15.98 -13.21
C PRO A 17 -9.57 17.14 -12.54
N ARG A 18 -9.40 17.27 -11.23
CA ARG A 18 -10.04 18.35 -10.50
C ARG A 18 -9.41 19.68 -10.84
N GLU A 19 -10.21 20.73 -10.80
CA GLU A 19 -9.70 22.07 -11.10
C GLU A 19 -9.13 22.62 -9.75
N GLU A 20 -7.88 23.13 -9.69
CA GLU A 20 -7.30 23.65 -8.41
C GLU A 20 -8.03 25.00 -8.05
N ALA A 21 -8.07 25.44 -6.77
CA ALA A 21 -8.82 26.68 -6.38
C ALA A 21 -8.09 27.95 -6.92
N GLY A 22 -8.78 29.09 -7.04
CA GLY A 22 -8.18 30.30 -7.59
C GLY A 22 -7.74 30.22 -9.07
N ALA A 23 -8.49 29.46 -9.89
CA ALA A 23 -8.20 29.30 -11.31
C ALA A 23 -6.76 28.88 -11.59
N LEU A 24 -6.17 27.95 -10.79
CA LEU A 24 -4.77 27.45 -10.98
C LEU A 24 -4.67 26.32 -12.11
N GLY A 25 -5.76 25.97 -12.82
CA GLY A 25 -5.75 24.98 -13.88
C GLY A 25 -5.88 23.57 -13.33
N PRO A 26 -5.90 22.58 -14.21
CA PRO A 26 -6.02 21.20 -13.76
C PRO A 26 -4.79 20.85 -12.96
N ALA A 27 -5.02 20.21 -11.84
CA ALA A 27 -3.94 19.75 -10.99
C ALA A 27 -3.05 18.74 -11.71
N TRP A 28 -3.62 17.96 -12.61
CA TRP A 28 -2.87 16.97 -13.38
C TRP A 28 -3.68 16.66 -14.64
N ASP A 29 -3.09 15.87 -15.53
CA ASP A 29 -3.80 15.44 -16.72
C ASP A 29 -3.47 13.99 -17.01
N GLU A 30 -4.29 13.38 -17.87
CA GLU A 30 -4.22 11.94 -18.10
C GLU A 30 -2.85 11.52 -18.62
N SER A 31 -2.14 12.41 -19.32
CA SER A 31 -0.84 12.05 -19.88
C SER A 31 0.17 11.69 -18.80
N GLN A 32 -0.10 12.04 -17.55
CA GLN A 32 0.78 11.69 -16.45
C GLN A 32 0.46 10.33 -15.84
N LEU A 33 -0.52 9.61 -16.38
CA LEU A 33 -0.92 8.31 -15.88
C LEU A 33 -0.34 7.22 -16.77
N ARG A 34 0.12 6.14 -16.16
CA ARG A 34 0.63 5.00 -16.89
C ARG A 34 -0.53 4.22 -17.52
N SER A 35 -0.22 3.50 -18.60
CA SER A 35 -1.23 2.80 -19.39
C SER A 35 -1.22 1.32 -19.03
N TYR A 36 -2.39 0.77 -18.75
CA TYR A 36 -2.53 -0.62 -18.31
C TYR A 36 -3.65 -1.30 -19.10
N SER A 37 -3.73 -2.62 -18.92
CA SER A 37 -4.56 -3.47 -19.78
C SER A 37 -5.98 -3.66 -19.26
N PHE A 38 -6.31 -3.14 -18.09
CA PHE A 38 -7.59 -3.46 -17.48
C PHE A 38 -8.44 -2.20 -17.32
N PRO A 39 -9.76 -2.34 -17.29
CA PRO A 39 -10.63 -1.20 -17.02
C PRO A 39 -10.66 -0.87 -15.53
N THR A 40 -11.15 0.33 -15.23
CA THR A 40 -11.37 0.75 -13.86
C THR A 40 -12.63 1.59 -13.80
N ARG A 41 -13.11 1.80 -12.58
CA ARG A 41 -14.16 2.75 -12.29
C ARG A 41 -13.72 3.57 -11.09
N PRO A 42 -14.29 4.75 -10.90
CA PRO A 42 -13.72 5.67 -9.92
C PRO A 42 -14.09 5.33 -8.48
N ILE A 43 -13.13 5.52 -7.59
CA ILE A 43 -13.45 5.53 -6.15
C ILE A 43 -14.20 6.80 -5.82
N PRO A 44 -15.25 6.70 -5.03
CA PRO A 44 -16.03 7.89 -4.71
C PRO A 44 -15.19 8.97 -3.94
N ARG A 45 -15.32 10.26 -4.23
CA ARG A 45 -14.66 11.31 -3.47
C ARG A 45 -15.81 11.97 -2.72
N LEU A 46 -15.75 11.92 -1.41
CA LEU A 46 -16.83 12.42 -0.52
C LEU A 46 -16.31 13.24 0.67
N SER A 47 -17.21 14.00 1.23
CA SER A 47 -16.93 14.68 2.49
C SER A 47 -17.01 13.70 3.65
N GLN A 48 -16.14 13.91 4.65
CA GLN A 48 -16.20 13.08 5.84
C GLN A 48 -17.55 13.20 6.55
N SER A 49 -18.28 14.29 6.30
CA SER A 49 -19.61 14.46 6.87
C SER A 49 -20.69 13.76 6.06
N ASP A 50 -20.35 13.18 4.91
CA ASP A 50 -21.34 12.54 4.07
C ASP A 50 -21.66 11.15 4.61
N PRO A 51 -22.92 10.85 4.96
CA PRO A 51 -23.21 9.52 5.52
C PRO A 51 -22.85 8.38 4.58
N ARG A 52 -22.79 8.63 3.27
CA ARG A 52 -22.33 7.60 2.35
C ARG A 52 -20.87 7.24 2.62
N ALA A 53 -20.06 8.21 3.05
CA ALA A 53 -18.66 7.91 3.35
C ALA A 53 -18.56 6.96 4.54
N GLU A 54 -19.31 7.28 5.58
CA GLU A 54 -19.37 6.41 6.76
C GLU A 54 -19.96 5.02 6.31
N GLU A 55 -20.98 4.98 5.45
CA GLU A 55 -21.49 3.65 4.98
C GLU A 55 -20.32 2.86 4.25
N LEU A 56 -19.54 3.49 3.35
CA LEU A 56 -18.44 2.76 2.64
C LEU A 56 -17.33 2.25 3.66
N ILE A 57 -16.88 3.10 4.59
CA ILE A 57 -15.83 2.66 5.56
C ILE A 57 -16.41 1.48 6.45
N GLU A 58 -17.66 1.61 6.94
CA GLU A 58 -18.30 0.49 7.73
C GLU A 58 -18.37 -0.85 6.88
N ASN A 59 -18.66 -0.78 5.56
CA ASN A 59 -18.74 -1.97 4.65
C ASN A 59 -17.33 -2.35 4.17
N GLU A 60 -16.30 -1.69 4.65
CA GLU A 60 -14.94 -2.01 4.22
C GLU A 60 -14.81 -1.91 2.70
N GLU A 61 -15.24 -0.77 2.17
CA GLU A 61 -15.04 -0.40 0.79
C GLU A 61 -14.28 0.91 0.72
N PRO A 62 -13.49 1.12 -0.32
CA PRO A 62 -12.65 2.33 -0.37
C PRO A 62 -13.45 3.60 -0.63
N VAL A 63 -12.90 4.70 -0.14
CA VAL A 63 -13.49 6.02 -0.33
C VAL A 63 -12.36 7.04 -0.16
N VAL A 64 -12.44 8.12 -0.93
CA VAL A 64 -11.54 9.26 -0.75
C VAL A 64 -12.31 10.32 0.03
N LEU A 65 -11.77 10.70 1.19
CA LEU A 65 -12.30 11.77 2.00
C LEU A 65 -11.52 13.04 1.73
N THR A 66 -12.22 14.11 1.39
CA THR A 66 -11.59 15.32 0.87
C THR A 66 -11.33 16.37 1.93
N ASP A 67 -11.93 16.25 3.12
CA ASP A 67 -11.95 17.35 4.09
C ASP A 67 -11.80 16.84 5.52
N THR A 68 -10.96 15.84 5.73
CA THR A 68 -10.74 15.35 7.09
C THR A 68 -9.83 16.28 7.89
N ASN A 69 -8.96 17.04 7.22
CA ASN A 69 -7.89 17.77 7.90
C ASN A 69 -7.00 16.83 8.71
N LEU A 70 -6.95 15.56 8.30
CA LEU A 70 -6.24 14.55 9.09
C LEU A 70 -4.79 14.92 9.29
N VAL A 71 -4.11 15.42 8.26
CA VAL A 71 -2.70 15.78 8.38
C VAL A 71 -2.52 17.24 7.98
N TYR A 72 -3.50 18.08 8.32
CA TYR A 72 -3.45 19.49 7.93
C TYR A 72 -2.11 20.13 8.24
N PRO A 73 -1.51 19.95 9.42
CA PRO A 73 -0.22 20.63 9.70
C PRO A 73 0.93 20.15 8.83
N ALA A 74 0.84 18.98 8.23
CA ALA A 74 1.89 18.46 7.37
C ALA A 74 1.80 18.95 5.93
N LEU A 75 0.72 19.64 5.56
CA LEU A 75 0.60 20.11 4.18
C LEU A 75 1.65 21.15 3.83
N LYS A 76 2.28 21.77 4.82
CA LYS A 76 3.40 22.66 4.56
C LYS A 76 4.72 21.91 4.42
N TRP A 77 4.73 20.59 4.54
CA TRP A 77 5.96 19.83 4.47
C TRP A 77 6.54 19.85 3.07
N ASP A 78 7.84 20.12 2.97
CA ASP A 78 8.63 19.87 1.78
C ASP A 78 9.99 19.39 2.24
N LEU A 79 10.89 19.14 1.28
CA LEU A 79 12.18 18.57 1.64
C LEU A 79 12.99 19.51 2.52
N GLU A 80 12.93 20.82 2.24
CA GLU A 80 13.67 21.77 3.06
C GLU A 80 13.19 21.73 4.51
N TYR A 81 11.88 21.86 4.71
CA TYR A 81 11.32 21.85 6.06
C TYR A 81 11.63 20.55 6.78
N LEU A 82 11.45 19.41 6.11
CA LEU A 82 11.69 18.13 6.76
C LEU A 82 13.15 17.96 7.16
N GLN A 83 14.07 18.26 6.24
CA GLN A 83 15.49 18.16 6.56
C GLN A 83 15.84 19.03 7.76
N GLU A 84 15.26 20.22 7.85
CA GLU A 84 15.55 21.12 8.96
C GLU A 84 15.03 20.58 10.29
N ASN A 85 13.92 19.81 10.26
CA ASN A 85 13.18 19.51 11.48
C ASN A 85 12.98 18.03 11.79
N ILE A 86 13.22 17.12 10.83
CA ILE A 86 12.84 15.72 11.07
C ILE A 86 13.84 14.98 11.93
N GLY A 87 14.90 15.63 12.37
CA GLY A 87 15.85 14.99 13.26
C GLY A 87 16.98 14.31 12.52
N ASN A 88 17.82 13.63 13.29
CA ASN A 88 19.03 13.00 12.78
C ASN A 88 18.95 11.48 12.90
N GLY A 89 17.75 10.92 12.83
CA GLY A 89 17.59 9.48 12.80
C GLY A 89 17.90 8.90 11.43
N ASP A 90 17.91 7.57 11.37
CA ASP A 90 18.13 6.85 10.13
C ASP A 90 16.81 6.66 9.40
N PHE A 91 16.85 6.77 8.06
CA PHE A 91 15.69 6.59 7.21
C PHE A 91 15.97 5.48 6.21
N SER A 92 15.01 4.57 6.06
CA SER A 92 15.11 3.52 5.05
C SER A 92 14.82 4.13 3.68
N VAL A 93 15.78 4.01 2.77
CA VAL A 93 15.64 4.51 1.43
C VAL A 93 15.89 3.37 0.45
N TYR A 94 14.95 3.18 -0.45
CA TYR A 94 15.04 2.12 -1.43
C TYR A 94 15.47 2.69 -2.76
N SER A 95 16.34 1.97 -3.44
CA SER A 95 16.88 2.42 -4.71
C SER A 95 16.62 1.38 -5.77
N ALA A 96 16.28 1.83 -6.97
CA ALA A 96 16.03 0.91 -8.05
C ALA A 96 16.40 1.43 -9.42
N SER A 97 16.67 0.49 -10.31
CA SER A 97 16.95 0.77 -11.70
C SER A 97 15.67 1.13 -12.42
N THR A 98 14.61 0.44 -12.04
CA THR A 98 13.28 0.59 -12.63
C THR A 98 12.32 1.41 -11.79
N HIS A 99 11.23 1.84 -12.39
CA HIS A 99 10.21 2.59 -11.69
C HIS A 99 9.44 1.74 -10.68
N LYS A 100 9.47 0.43 -10.84
CA LYS A 100 8.72 -0.50 -10.00
C LYS A 100 9.51 -0.82 -8.74
N PHE A 101 8.96 -0.45 -7.58
CA PHE A 101 9.56 -0.68 -6.27
C PHE A 101 8.79 -1.82 -5.57
N LEU A 102 9.05 -3.04 -6.01
CA LEU A 102 8.42 -4.23 -5.43
C LEU A 102 8.97 -4.47 -4.03
N TYR A 103 8.07 -4.55 -3.05
CA TYR A 103 8.49 -4.81 -1.67
C TYR A 103 8.93 -6.25 -1.51
N TYR A 104 9.97 -6.46 -0.69
CA TYR A 104 10.42 -7.81 -0.36
C TYR A 104 10.73 -7.88 1.14
N ASP A 105 10.40 -9.02 1.73
CA ASP A 105 10.58 -9.25 3.15
C ASP A 105 11.95 -9.90 3.35
N GLU A 106 12.87 -9.17 4.00
CA GLU A 106 14.24 -9.65 4.09
C GLU A 106 14.35 -10.90 4.97
N LYS A 107 13.44 -11.07 5.92
CA LYS A 107 13.49 -12.27 6.77
C LYS A 107 13.24 -13.54 5.97
N LYS A 108 12.41 -13.44 4.94
CA LYS A 108 12.05 -14.59 4.12
C LYS A 108 13.02 -14.91 3.02
N MET A 109 14.06 -14.08 2.89
CA MET A 109 15.07 -14.27 1.85
C MET A 109 15.85 -15.58 1.97
N ALA A 110 16.04 -16.07 3.19
CA ALA A 110 16.72 -17.33 3.41
C ALA A 110 15.97 -18.49 2.74
N ASN A 111 14.65 -18.47 2.78
CA ASN A 111 13.85 -19.52 2.17
C ASN A 111 14.09 -19.64 0.68
N PHE A 112 14.20 -18.52 -0.02
CA PHE A 112 14.42 -18.58 -1.45
C PHE A 112 15.77 -17.94 -1.80
N GLN A 113 16.80 -18.75 -2.00
CA GLN A 113 18.11 -18.20 -2.33
C GLN A 113 18.14 -17.61 -3.73
N ASN A 114 17.32 -18.16 -4.62
CA ASN A 114 17.24 -17.73 -6.00
C ASN A 114 16.76 -16.29 -6.19
N PHE A 115 15.83 -15.84 -5.36
CA PHE A 115 15.30 -14.49 -5.51
C PHE A 115 16.35 -13.40 -5.32
N LYS A 116 16.42 -12.50 -6.27
CA LYS A 116 17.35 -11.39 -6.18
C LYS A 116 16.50 -10.17 -6.39
N PRO A 117 16.48 -9.29 -5.40
CA PRO A 117 15.65 -8.09 -5.47
C PRO A 117 16.09 -7.04 -6.47
N ARG A 118 15.12 -6.45 -7.13
CA ARG A 118 15.34 -5.37 -8.09
C ARG A 118 15.79 -4.10 -7.39
N SER A 119 15.24 -3.85 -6.20
CA SER A 119 15.57 -2.66 -5.45
C SER A 119 16.41 -2.96 -4.22
N ASN A 120 17.20 -1.98 -3.80
CA ASN A 120 18.07 -2.14 -2.64
C ASN A 120 17.75 -1.15 -1.54
N ARG A 121 17.88 -1.59 -0.31
CA ARG A 121 17.61 -0.76 0.85
C ARG A 121 18.91 -0.24 1.45
N GLU A 122 18.92 1.05 1.76
CA GLU A 122 20.07 1.69 2.41
C GLU A 122 19.59 2.61 3.52
N GLU A 123 20.27 2.60 4.66
CA GLU A 123 19.90 3.47 5.77
C GLU A 123 20.72 4.72 5.67
N MET A 124 20.08 5.88 5.80
CA MET A 124 20.80 7.12 5.72
C MET A 124 20.10 8.25 6.44
N LYS A 125 20.82 9.33 6.70
CA LYS A 125 20.20 10.49 7.31
C LYS A 125 19.38 11.24 6.27
N PHE A 126 18.40 12.00 6.74
CA PHE A 126 17.48 12.66 5.81
C PHE A 126 18.23 13.57 4.85
N HIS A 127 19.28 14.25 5.33
CA HIS A 127 20.01 15.15 4.45
C HIS A 127 20.78 14.38 3.38
N GLU A 128 21.20 13.14 3.68
CA GLU A 128 21.83 12.31 2.65
C GLU A 128 20.83 11.94 1.56
N PHE A 129 19.59 11.66 1.95
CA PHE A 129 18.55 11.36 0.97
C PHE A 129 18.31 12.55 0.05
N VAL A 130 18.17 13.74 0.63
CA VAL A 130 18.00 14.94 -0.18
C VAL A 130 19.19 15.12 -1.11
N GLU A 131 20.39 14.79 -0.63
CA GLU A 131 21.60 14.96 -1.43
C GLU A 131 21.58 14.02 -2.63
N LYS A 132 21.22 12.75 -2.42
CA LYS A 132 21.16 11.81 -3.54
C LYS A 132 20.13 12.27 -4.58
N LEU A 133 18.97 12.77 -4.13
CA LEU A 133 17.99 13.30 -5.07
C LEU A 133 18.60 14.41 -5.91
N GLN A 134 19.28 15.34 -5.25
CA GLN A 134 19.88 16.44 -5.97
C GLN A 134 20.93 15.94 -6.93
N ASP A 135 21.75 15.01 -6.47
CA ASP A 135 22.81 14.49 -7.31
C ASP A 135 22.25 13.79 -8.53
N ILE A 136 21.24 12.97 -8.33
CA ILE A 136 20.64 12.27 -9.45
C ILE A 136 20.04 13.26 -10.43
N GLN A 137 19.35 14.25 -9.90
CA GLN A 137 18.74 15.26 -10.73
C GLN A 137 19.77 16.07 -11.50
N GLN A 138 20.83 16.46 -10.83
CA GLN A 138 21.86 17.28 -11.44
C GLN A 138 22.53 16.59 -12.60
N ARG A 139 22.82 15.30 -12.44
CA ARG A 139 23.50 14.55 -13.48
C ARG A 139 22.56 13.90 -14.48
N GLY A 140 21.27 14.06 -14.27
CA GLY A 140 20.27 13.44 -15.13
C GLY A 140 20.33 11.93 -15.14
N GLY A 141 20.65 11.33 -13.99
CA GLY A 141 20.74 9.90 -13.83
C GLY A 141 19.38 9.24 -13.84
N GLU A 142 19.36 7.95 -14.15
CA GLU A 142 18.10 7.22 -14.20
C GLU A 142 17.72 6.52 -12.92
N GLU A 143 18.59 6.56 -11.92
CA GLU A 143 18.30 5.90 -10.65
C GLU A 143 17.09 6.52 -9.97
N ARG A 144 16.35 5.68 -9.25
CA ARG A 144 15.16 6.11 -8.55
C ARG A 144 15.24 5.75 -7.09
N LEU A 145 14.72 6.63 -6.24
CA LEU A 145 14.74 6.45 -4.81
C LEU A 145 13.36 6.57 -4.19
N TYR A 146 13.07 5.75 -3.20
CA TYR A 146 11.81 5.84 -2.49
C TYR A 146 12.13 5.76 -1.02
N LEU A 147 11.72 6.77 -0.26
CA LEU A 147 11.98 6.79 1.17
C LEU A 147 10.74 6.26 1.85
N GLN A 148 10.92 5.30 2.73
CA GLN A 148 9.80 4.64 3.39
C GLN A 148 10.23 4.35 4.83
N GLN A 149 9.81 5.21 5.75
CA GLN A 149 10.28 5.18 7.13
C GLN A 149 9.11 5.44 8.08
N THR A 150 8.94 4.58 9.06
CA THR A 150 7.91 4.81 10.06
C THR A 150 8.35 5.96 10.98
N LEU A 151 7.40 6.82 11.32
CA LEU A 151 7.68 7.91 12.23
C LEU A 151 7.96 7.38 13.62
N ASN A 152 8.97 7.94 14.27
CA ASN A 152 9.39 7.48 15.59
C ASN A 152 9.82 8.70 16.41
N ASP A 153 10.16 8.46 17.67
CA ASP A 153 10.39 9.55 18.61
C ASP A 153 11.71 10.28 18.40
N THR A 154 12.46 9.97 17.35
CA THR A 154 13.68 10.72 17.05
C THR A 154 13.40 11.99 16.26
N VAL A 155 12.17 12.21 15.87
CA VAL A 155 11.86 13.38 15.08
C VAL A 155 12.03 14.67 15.88
N GLY A 156 12.25 15.75 15.15
CA GLY A 156 12.44 17.07 15.72
C GLY A 156 11.18 17.64 16.35
N ARG A 157 11.36 18.63 17.20
CA ARG A 157 10.24 19.21 17.92
C ARG A 157 9.15 19.77 17.01
N LYS A 158 9.53 20.41 15.92
CA LYS A 158 8.53 20.95 15.02
C LYS A 158 7.67 19.83 14.43
N ILE A 159 8.29 18.72 14.07
CA ILE A 159 7.57 17.57 13.56
C ILE A 159 6.65 17.00 14.62
N VAL A 160 7.11 16.99 15.87
CA VAL A 160 6.28 16.50 16.95
C VAL A 160 5.04 17.38 17.05
N MET A 161 5.22 18.69 16.98
CA MET A 161 4.08 19.60 17.01
C MET A 161 3.13 19.33 15.83
N ASP A 162 3.69 19.16 14.63
CA ASP A 162 2.86 18.85 13.47
C ASP A 162 2.09 17.55 13.68
N PHE A 163 2.80 16.50 14.10
CA PHE A 163 2.18 15.21 14.36
C PHE A 163 1.05 15.34 15.37
N LEU A 164 1.29 16.08 16.46
CA LEU A 164 0.25 16.27 17.47
C LEU A 164 -0.93 17.03 16.92
N GLY A 165 -0.71 17.85 15.89
CA GLY A 165 -1.75 18.61 15.24
C GLY A 165 -2.57 17.85 14.24
N PHE A 166 -2.30 16.57 14.02
CA PHE A 166 -3.16 15.76 13.18
C PHE A 166 -4.54 15.65 13.82
N ASN A 167 -5.54 15.27 13.01
CA ASN A 167 -6.92 15.23 13.48
C ASN A 167 -7.20 13.89 14.17
N TRP A 168 -6.62 13.74 15.35
CA TRP A 168 -6.81 12.53 16.14
C TRP A 168 -8.25 12.40 16.59
N ASN A 169 -8.94 13.52 16.81
CA ASN A 169 -10.35 13.45 17.17
C ASN A 169 -11.13 12.64 16.14
N TRP A 170 -10.95 12.95 14.85
CA TRP A 170 -11.71 12.29 13.80
C TRP A 170 -11.28 10.83 13.63
N ILE A 171 -9.96 10.57 13.62
CA ILE A 171 -9.52 9.22 13.30
C ILE A 171 -9.65 8.30 14.52
N ASN A 172 -9.55 8.83 15.73
CA ASN A 172 -9.82 8.01 16.90
C ASN A 172 -11.29 7.58 16.96
N LYS A 173 -12.17 8.45 16.51
CA LYS A 173 -13.57 8.11 16.44
C LYS A 173 -13.78 7.00 15.43
N GLN A 174 -13.08 7.08 14.30
CA GLN A 174 -13.19 6.05 13.28
C GLN A 174 -12.70 4.73 13.84
N GLN A 175 -11.59 4.75 14.56
CA GLN A 175 -11.06 3.54 15.12
C GLN A 175 -12.04 2.95 16.10
N GLY A 176 -12.63 3.77 16.94
CA GLY A 176 -13.61 3.30 17.88
C GLY A 176 -14.87 2.80 17.21
N LYS A 177 -15.32 3.52 16.20
CA LYS A 177 -16.54 3.16 15.49
C LYS A 177 -16.43 1.81 14.79
N ARG A 178 -15.28 1.53 14.22
CA ARG A 178 -15.08 0.28 13.50
C ARG A 178 -14.59 -0.87 14.38
N GLY A 179 -14.35 -0.63 15.66
CA GLY A 179 -13.82 -1.69 16.49
C GLY A 179 -12.40 -2.10 16.17
N TRP A 180 -11.67 -1.29 15.42
CA TRP A 180 -10.32 -1.65 15.04
C TRP A 180 -9.42 -1.77 16.26
N GLY A 181 -8.28 -2.43 16.07
CA GLY A 181 -7.23 -2.48 17.06
C GLY A 181 -6.42 -1.21 17.07
N GLN A 182 -5.22 -1.31 17.61
CA GLN A 182 -4.39 -0.13 17.84
C GLN A 182 -3.81 0.40 16.55
N LEU A 183 -3.53 1.70 16.53
CA LEU A 183 -2.62 2.24 15.54
C LEU A 183 -1.26 1.58 15.70
N THR A 184 -0.79 0.89 14.66
CA THR A 184 0.49 0.20 14.76
C THR A 184 1.66 1.07 14.30
N SER A 185 1.44 1.94 13.32
CA SER A 185 2.53 2.79 12.86
C SER A 185 2.00 3.82 11.87
N ASN A 186 2.83 4.83 11.63
CA ASN A 186 2.64 5.80 10.55
C ASN A 186 3.87 5.73 9.66
N LEU A 187 3.66 5.36 8.40
CA LEU A 187 4.75 5.25 7.44
C LEU A 187 4.85 6.56 6.66
N LEU A 188 6.04 7.16 6.68
CA LEU A 188 6.33 8.32 5.85
C LEU A 188 6.88 7.84 4.51
N LEU A 189 6.23 8.23 3.43
CA LEU A 189 6.63 7.84 2.08
C LEU A 189 6.96 9.09 1.28
N ILE A 190 8.19 9.18 0.78
CA ILE A 190 8.62 10.24 -0.10
C ILE A 190 9.20 9.59 -1.35
N GLY A 191 8.57 9.87 -2.50
CA GLY A 191 8.95 9.23 -3.74
C GLY A 191 9.25 10.24 -4.83
N MET A 192 9.94 9.75 -5.85
CA MET A 192 10.20 10.51 -7.05
C MET A 192 9.06 10.32 -8.05
N GLU A 193 8.83 11.35 -8.86
CA GLU A 193 7.81 11.27 -9.90
C GLU A 193 8.01 10.00 -10.72
N GLY A 194 6.90 9.31 -10.99
CA GLY A 194 6.94 8.08 -11.74
C GLY A 194 7.20 6.83 -10.93
N ASN A 195 7.55 6.96 -9.66
CA ASN A 195 7.71 5.78 -8.81
C ASN A 195 6.40 4.99 -8.73
N VAL A 196 6.52 3.66 -8.70
CA VAL A 196 5.37 2.77 -8.62
C VAL A 196 5.60 1.78 -7.49
N THR A 197 4.60 1.62 -6.63
CA THR A 197 4.55 0.48 -5.71
C THR A 197 3.63 -0.55 -6.33
N PRO A 198 4.12 -1.71 -6.74
CA PRO A 198 3.27 -2.66 -7.47
C PRO A 198 2.15 -3.23 -6.61
N ALA A 199 1.15 -3.79 -7.28
CA ALA A 199 -0.05 -4.30 -6.64
C ALA A 199 0.29 -5.26 -5.49
N HIS A 200 -0.37 -5.03 -4.35
CA HIS A 200 -0.22 -5.88 -3.19
C HIS A 200 -1.37 -5.59 -2.24
N TYR A 201 -1.54 -6.45 -1.25
CA TYR A 201 -2.49 -6.16 -0.18
C TYR A 201 -1.76 -6.17 1.16
N ASP A 202 -2.28 -5.37 2.08
CA ASP A 202 -1.78 -5.32 3.44
C ASP A 202 -2.82 -5.93 4.37
N GLU A 203 -2.39 -6.40 5.52
CA GLU A 203 -3.30 -7.03 6.47
C GLU A 203 -3.96 -6.08 7.45
N GLN A 204 -3.53 -4.83 7.46
CA GLN A 204 -4.07 -3.83 8.38
C GLN A 204 -4.94 -2.80 7.67
N GLN A 205 -5.84 -2.17 8.42
CA GLN A 205 -6.69 -1.12 7.89
C GLN A 205 -5.81 0.09 7.65
N ASN A 206 -6.05 0.80 6.56
CA ASN A 206 -5.22 1.95 6.25
C ASN A 206 -5.91 3.25 5.84
N PHE A 207 -5.64 4.30 6.59
CA PHE A 207 -6.00 5.65 6.16
C PHE A 207 -4.76 6.30 5.56
N PHE A 208 -4.84 6.61 4.28
CA PHE A 208 -3.70 6.95 3.43
C PHE A 208 -3.78 8.46 3.16
N ALA A 209 -2.92 9.24 3.83
CA ALA A 209 -3.06 10.69 3.89
C ALA A 209 -2.04 11.37 2.97
N GLN A 210 -2.52 11.90 1.85
CA GLN A 210 -1.65 12.51 0.87
C GLN A 210 -1.29 13.94 1.27
N ILE A 211 -0.02 14.29 1.08
CA ILE A 211 0.55 15.54 1.60
C ILE A 211 1.09 16.43 0.49
N LYS A 212 1.92 15.88 -0.39
CA LYS A 212 2.53 16.64 -1.47
C LYS A 212 2.48 15.84 -2.76
N GLY A 213 2.18 16.51 -3.87
CA GLY A 213 2.11 15.83 -5.14
C GLY A 213 0.87 14.96 -5.23
N TYR A 214 0.81 14.20 -6.31
CA TYR A 214 -0.38 13.42 -6.65
C TYR A 214 0.01 11.96 -6.87
N LYS A 215 -0.83 11.06 -6.37
CA LYS A 215 -0.64 9.63 -6.52
C LYS A 215 -1.88 9.01 -7.11
N ARG A 216 -1.71 8.20 -8.15
CA ARG A 216 -2.79 7.41 -8.69
C ARG A 216 -2.85 6.09 -7.91
N CYS A 217 -4.02 5.78 -7.37
CA CYS A 217 -4.23 4.58 -6.58
C CYS A 217 -5.24 3.70 -7.29
N ILE A 218 -4.84 2.48 -7.63
CA ILE A 218 -5.71 1.50 -8.26
C ILE A 218 -5.92 0.38 -7.26
N LEU A 219 -7.15 0.16 -6.85
CA LEU A 219 -7.48 -0.85 -5.88
C LEU A 219 -8.30 -1.98 -6.46
N PHE A 220 -8.08 -3.17 -5.93
CA PHE A 220 -8.83 -4.34 -6.35
C PHE A 220 -9.36 -5.01 -5.10
N PRO A 221 -10.60 -5.46 -5.14
CA PRO A 221 -11.22 -6.10 -3.99
C PRO A 221 -10.60 -7.47 -3.70
N PRO A 222 -10.76 -7.92 -2.49
CA PRO A 222 -10.18 -9.20 -2.08
C PRO A 222 -10.70 -10.33 -2.94
N ASP A 223 -11.92 -10.24 -3.47
CA ASP A 223 -12.45 -11.33 -4.28
C ASP A 223 -11.79 -11.42 -5.65
N GLN A 224 -10.84 -10.55 -5.97
CA GLN A 224 -10.04 -10.71 -7.18
C GLN A 224 -8.71 -11.39 -6.91
N PHE A 225 -8.59 -12.10 -5.77
CA PHE A 225 -7.41 -12.91 -5.48
C PHE A 225 -7.02 -13.78 -6.66
N GLU A 226 -8.01 -14.40 -7.31
CA GLU A 226 -7.67 -15.37 -8.35
C GLU A 226 -7.19 -14.71 -9.64
N CYS A 227 -7.32 -13.39 -9.76
CA CYS A 227 -6.80 -12.69 -10.91
C CYS A 227 -5.44 -11.99 -10.72
N LEU A 228 -4.95 -11.89 -9.48
CA LEU A 228 -3.71 -11.15 -9.09
C LEU A 228 -2.53 -12.09 -8.68
N TYR A 229 -2.81 -13.36 -8.45
CA TYR A 229 -1.72 -14.31 -8.31
C TYR A 229 -0.60 -13.88 -7.35
N PRO A 230 -0.91 -13.72 -6.07
CA PRO A 230 0.16 -13.39 -5.12
C PRO A 230 1.24 -14.44 -5.07
N TYR A 231 2.44 -14.02 -4.70
CA TYR A 231 3.52 -14.96 -4.47
C TYR A 231 3.12 -15.95 -3.37
N PRO A 232 3.80 -17.09 -3.29
CA PRO A 232 3.65 -17.96 -2.12
C PRO A 232 3.92 -17.20 -0.82
N VAL A 233 3.19 -17.59 0.22
CA VAL A 233 3.27 -16.89 1.53
C VAL A 233 4.74 -16.87 2.10
N HIS A 234 5.47 -18.01 2.04
CA HIS A 234 6.94 -18.07 2.45
C HIS A 234 7.93 -17.24 1.49
N HIS A 235 7.56 -16.96 0.23
CA HIS A 235 8.39 -16.09 -0.69
C HIS A 235 8.55 -14.67 -0.11
N PRO A 236 9.72 -14.04 -0.28
CA PRO A 236 9.93 -12.67 0.20
C PRO A 236 8.88 -11.66 -0.27
N CYS A 237 8.27 -11.89 -1.43
CA CYS A 237 7.25 -10.99 -1.96
C CYS A 237 5.84 -11.46 -1.64
N ASP A 238 5.68 -12.22 -0.57
CA ASP A 238 4.37 -12.50 0.02
C ASP A 238 3.52 -11.23 0.01
N ARG A 239 2.26 -11.39 -0.40
CA ARG A 239 1.22 -10.37 -0.46
C ARG A 239 1.33 -9.48 -1.71
N GLN A 240 2.38 -9.60 -2.51
CA GLN A 240 2.48 -8.85 -3.75
C GLN A 240 2.01 -9.71 -4.91
N SER A 241 1.43 -9.06 -5.92
CA SER A 241 1.05 -9.75 -7.15
C SER A 241 2.29 -10.16 -7.95
N GLN A 242 2.24 -11.37 -8.52
CA GLN A 242 3.28 -11.81 -9.44
C GLN A 242 3.16 -11.19 -10.83
N VAL A 243 2.03 -10.58 -11.15
CA VAL A 243 1.77 -10.09 -12.50
C VAL A 243 2.53 -8.80 -12.72
N ASP A 244 3.30 -8.73 -13.80
CA ASP A 244 3.93 -7.49 -14.25
C ASP A 244 2.86 -6.67 -14.97
N PHE A 245 2.33 -5.65 -14.31
CA PHE A 245 1.26 -4.84 -14.90
C PHE A 245 1.68 -4.21 -16.23
N ASP A 246 2.98 -4.00 -16.44
CA ASP A 246 3.45 -3.40 -17.69
C ASP A 246 3.59 -4.43 -18.81
N ASN A 247 3.74 -5.71 -18.50
CA ASN A 247 3.83 -6.77 -19.52
C ASN A 247 3.22 -8.04 -18.95
N PRO A 248 1.89 -8.10 -18.87
CA PRO A 248 1.25 -9.23 -18.19
C PRO A 248 1.38 -10.52 -18.99
N ASP A 249 1.76 -11.58 -18.30
CA ASP A 249 1.93 -12.90 -18.91
C ASP A 249 0.61 -13.66 -18.77
N TYR A 250 -0.21 -13.60 -19.82
CA TYR A 250 -1.54 -14.20 -19.78
C TYR A 250 -1.51 -15.72 -19.84
N GLU A 251 -0.38 -16.32 -20.20
CA GLU A 251 -0.27 -17.77 -20.17
C GLU A 251 -0.10 -18.27 -18.74
N ARG A 252 0.71 -17.59 -17.94
CA ARG A 252 0.83 -17.94 -16.53
C ARG A 252 -0.31 -17.40 -15.69
N PHE A 253 -0.86 -16.25 -16.07
CA PHE A 253 -1.82 -15.51 -15.25
C PHE A 253 -3.08 -15.21 -16.04
N PRO A 254 -3.77 -16.24 -16.53
CA PRO A 254 -4.86 -15.98 -17.48
C PRO A 254 -5.98 -15.12 -16.93
N ASN A 255 -6.30 -15.24 -15.64
CA ASN A 255 -7.41 -14.49 -15.09
C ASN A 255 -7.06 -13.03 -14.82
N PHE A 256 -5.82 -12.63 -15.07
CA PHE A 256 -5.54 -11.20 -15.05
C PHE A 256 -6.28 -10.48 -16.17
N GLN A 257 -6.76 -11.23 -17.17
CA GLN A 257 -7.61 -10.65 -18.20
C GLN A 257 -9.01 -10.31 -17.69
N ASN A 258 -9.34 -10.74 -16.48
CA ASN A 258 -10.62 -10.43 -15.89
C ASN A 258 -10.58 -9.39 -14.77
N VAL A 259 -9.42 -8.82 -14.46
CA VAL A 259 -9.35 -7.83 -13.38
C VAL A 259 -9.97 -6.50 -13.69
N VAL A 260 -10.68 -5.97 -12.71
CA VAL A 260 -11.27 -4.65 -12.82
C VAL A 260 -10.89 -3.87 -11.54
N GLY A 261 -10.26 -2.70 -11.70
CA GLY A 261 -9.83 -1.88 -10.60
C GLY A 261 -10.74 -0.72 -10.25
N TYR A 262 -10.55 -0.24 -9.03
CA TYR A 262 -11.15 0.98 -8.54
C TYR A 262 -10.05 2.02 -8.45
N GLU A 263 -10.23 3.16 -9.10
CA GLU A 263 -9.15 4.12 -9.35
C GLU A 263 -9.47 5.50 -8.79
N THR A 264 -8.41 6.20 -8.40
CA THR A 264 -8.51 7.61 -8.00
C THR A 264 -7.12 8.20 -8.04
N VAL A 265 -7.07 9.54 -8.09
CA VAL A 265 -5.83 10.29 -7.93
C VAL A 265 -5.98 11.16 -6.69
N VAL A 266 -5.16 10.91 -5.69
CA VAL A 266 -5.23 11.68 -4.44
C VAL A 266 -4.18 12.79 -4.50
N GLY A 267 -4.56 13.91 -3.92
CA GLY A 267 -3.75 15.11 -3.85
C GLY A 267 -3.63 15.59 -2.41
N PRO A 268 -2.90 16.69 -2.21
CA PRO A 268 -2.68 17.22 -0.87
C PRO A 268 -4.00 17.47 -0.16
N GLY A 269 -4.06 17.04 1.09
CA GLY A 269 -5.28 17.08 1.88
C GLY A 269 -6.33 15.92 1.68
N ASP A 270 -6.11 14.97 0.74
CA ASP A 270 -7.05 13.84 0.46
C ASP A 270 -6.60 12.69 1.35
N VAL A 271 -7.57 11.93 1.80
CA VAL A 271 -7.32 10.74 2.59
C VAL A 271 -8.07 9.59 1.92
N LEU A 272 -7.34 8.53 1.58
CA LEU A 272 -7.94 7.36 0.94
C LEU A 272 -8.04 6.25 1.98
N TYR A 273 -9.23 5.72 2.17
CA TYR A 273 -9.39 4.53 2.99
C TYR A 273 -9.06 3.31 2.13
N ILE A 274 -7.98 2.62 2.48
CA ILE A 274 -7.63 1.36 1.84
C ILE A 274 -8.00 0.24 2.82
N PRO A 275 -9.12 -0.42 2.62
CA PRO A 275 -9.54 -1.45 3.57
C PRO A 275 -8.58 -2.61 3.58
N MET A 276 -8.49 -3.29 4.72
CA MET A 276 -7.58 -4.42 4.85
C MET A 276 -7.94 -5.52 3.86
N TYR A 277 -6.89 -6.08 3.29
CA TYR A 277 -6.87 -7.18 2.30
C TYR A 277 -7.20 -6.68 0.90
N TRP A 278 -7.49 -5.40 0.77
CA TRP A 278 -7.73 -4.84 -0.56
C TRP A 278 -6.40 -4.64 -1.27
N TRP A 279 -6.32 -5.13 -2.50
CA TRP A 279 -5.13 -4.90 -3.31
C TRP A 279 -5.03 -3.43 -3.65
N HIS A 280 -3.81 -2.91 -3.71
CA HIS A 280 -3.63 -1.56 -4.21
C HIS A 280 -2.31 -1.42 -4.96
N HIS A 281 -2.37 -0.67 -6.04
CA HIS A 281 -1.25 -0.26 -6.87
C HIS A 281 -1.16 1.26 -6.78
N ILE A 282 0.02 1.78 -6.45
CA ILE A 282 0.18 3.21 -6.17
C ILE A 282 1.34 3.75 -6.99
N GLU A 283 1.07 4.81 -7.76
CA GLU A 283 2.10 5.40 -8.61
C GLU A 283 2.09 6.92 -8.47
N SER A 284 3.27 7.50 -8.29
CA SER A 284 3.43 8.94 -8.27
C SER A 284 3.42 9.45 -9.71
N LEU A 285 2.60 10.47 -9.98
CA LEU A 285 2.32 10.85 -11.35
C LEU A 285 3.60 11.22 -12.09
N LEU A 286 3.69 10.77 -13.34
CA LEU A 286 4.78 11.16 -14.21
C LEU A 286 4.89 12.68 -14.25
N ASN A 287 6.12 13.17 -14.13
CA ASN A 287 6.43 14.60 -14.23
C ASN A 287 5.65 15.43 -13.22
N GLY A 288 5.20 14.83 -12.12
CA GLY A 288 4.46 15.54 -11.10
C GLY A 288 5.28 16.01 -9.93
N GLY A 289 6.60 15.84 -9.96
CA GLY A 289 7.44 16.19 -8.85
C GLY A 289 7.40 15.12 -7.78
N ILE A 290 8.06 15.40 -6.65
CA ILE A 290 8.10 14.43 -5.57
C ILE A 290 6.73 14.34 -4.91
N THR A 291 6.47 13.20 -4.31
CA THR A 291 5.24 12.97 -3.57
C THR A 291 5.56 12.67 -2.12
N ILE A 292 4.67 13.11 -1.24
CA ILE A 292 4.79 12.84 0.19
C ILE A 292 3.45 12.30 0.67
N THR A 293 3.49 11.19 1.40
CA THR A 293 2.33 10.59 2.00
C THR A 293 2.68 10.15 3.41
N VAL A 294 1.69 10.17 4.29
CA VAL A 294 1.77 9.51 5.58
C VAL A 294 0.55 8.61 5.69
N ASN A 295 0.77 7.34 5.99
CA ASN A 295 -0.37 6.44 6.20
C ASN A 295 -0.57 6.21 7.70
N PHE A 296 -1.71 5.59 8.00
CA PHE A 296 -2.16 5.29 9.35
C PHE A 296 -2.63 3.85 9.32
N TRP A 297 -1.84 2.94 9.90
CA TRP A 297 -2.13 1.51 9.87
C TRP A 297 -2.72 1.06 11.20
N TYR A 298 -3.88 0.41 11.13
CA TYR A 298 -4.57 -0.10 12.30
C TYR A 298 -4.79 -1.60 12.16
N LYS A 299 -4.60 -2.32 13.26
CA LYS A 299 -5.00 -3.72 13.29
C LYS A 299 -6.51 -3.83 13.10
N GLY A 300 -6.94 -4.81 12.33
CA GLY A 300 -8.35 -5.00 12.08
C GLY A 300 -9.10 -5.39 13.35
N ALA A 301 -10.42 -5.21 13.30
CA ALA A 301 -11.26 -5.58 14.42
C ALA A 301 -11.17 -7.09 14.66
N PRO A 302 -11.29 -7.52 15.90
CA PRO A 302 -11.16 -8.94 16.20
C PRO A 302 -12.25 -9.74 15.51
N THR A 303 -11.93 -10.96 15.12
CA THR A 303 -12.90 -11.82 14.49
C THR A 303 -14.01 -12.07 15.49
N PRO A 304 -15.25 -12.00 15.04
CA PRO A 304 -16.39 -12.21 15.91
C PRO A 304 -16.42 -13.62 16.45
N LYS A 305 -16.95 -13.78 17.66
CA LYS A 305 -16.98 -15.10 18.28
C LYS A 305 -17.80 -16.08 17.44
N ARG A 306 -18.93 -15.63 16.91
CA ARG A 306 -19.71 -16.48 16.07
C ARG A 306 -19.42 -16.10 14.63
N ILE A 307 -18.77 -16.99 13.90
CA ILE A 307 -18.46 -16.73 12.50
C ILE A 307 -19.73 -16.86 11.71
N GLU A 308 -19.95 -15.96 10.77
CA GLU A 308 -21.16 -15.99 9.99
C GLU A 308 -20.92 -16.38 8.55
N TYR A 309 -21.72 -17.29 8.05
CA TYR A 309 -21.60 -17.74 6.69
C TYR A 309 -22.72 -17.09 5.93
N PRO A 310 -22.43 -16.54 4.76
CA PRO A 310 -21.25 -16.84 3.95
C PRO A 310 -20.01 -16.06 4.38
N LEU A 311 -18.84 -16.67 4.25
CA LEU A 311 -17.60 -16.01 4.60
C LEU A 311 -17.30 -14.86 3.63
N LYS A 312 -16.65 -13.83 4.14
CA LYS A 312 -16.18 -12.76 3.27
C LYS A 312 -14.95 -13.21 2.49
N ALA A 313 -14.72 -12.55 1.34
CA ALA A 313 -13.59 -12.91 0.52
C ALA A 313 -12.29 -12.85 1.31
N HIS A 314 -12.11 -11.82 2.14
CA HIS A 314 -10.84 -11.68 2.84
C HIS A 314 -10.67 -12.74 3.92
N GLN A 315 -11.78 -13.30 4.44
CA GLN A 315 -11.67 -14.44 5.35
C GLN A 315 -11.17 -15.67 4.62
N LYS A 316 -11.61 -15.86 3.37
CA LYS A 316 -11.09 -16.98 2.60
C LYS A 316 -9.62 -16.78 2.25
N VAL A 317 -9.19 -15.53 2.02
CA VAL A 317 -7.77 -15.27 1.82
C VAL A 317 -7.00 -15.63 3.08
N ALA A 318 -7.54 -15.28 4.25
CA ALA A 318 -6.89 -15.62 5.51
C ALA A 318 -6.77 -17.14 5.69
N ILE A 319 -7.81 -17.88 5.29
CA ILE A 319 -7.73 -19.33 5.37
C ILE A 319 -6.58 -19.84 4.51
N MET A 320 -6.47 -19.35 3.27
CA MET A 320 -5.42 -19.82 2.39
C MET A 320 -4.04 -19.50 2.96
N ARG A 321 -3.85 -18.26 3.42
CA ARG A 321 -2.59 -17.92 4.08
C ARG A 321 -2.28 -18.91 5.18
N ASN A 322 -3.26 -19.19 6.04
CA ASN A 322 -3.00 -20.04 7.19
C ASN A 322 -2.70 -21.48 6.77
N ILE A 323 -3.37 -21.97 5.72
CA ILE A 323 -3.03 -23.31 5.22
C ILE A 323 -1.59 -23.34 4.75
N GLU A 324 -1.17 -22.33 3.97
CA GLU A 324 0.21 -22.32 3.49
C GLU A 324 1.19 -22.27 4.65
N LYS A 325 0.86 -21.47 5.66
CA LYS A 325 1.76 -21.35 6.83
C LYS A 325 1.85 -22.72 7.60
N MET A 326 0.70 -23.35 7.84
CA MET A 326 0.69 -24.63 8.54
C MET A 326 1.49 -25.68 7.78
N LEU A 327 1.31 -25.75 6.46
CA LEU A 327 2.02 -26.77 5.70
C LEU A 327 3.52 -26.54 5.75
N GLY A 328 3.94 -25.28 5.60
CA GLY A 328 5.37 -24.99 5.72
C GLY A 328 5.95 -25.47 7.02
N GLU A 329 5.23 -25.24 8.13
N GLU A 329 5.23 -25.24 8.13
CA GLU A 329 5.73 -25.68 9.42
CA GLU A 329 5.72 -25.67 9.43
C GLU A 329 5.68 -27.20 9.55
C GLU A 329 5.67 -27.19 9.56
N ALA A 330 4.59 -27.82 9.09
CA ALA A 330 4.44 -29.26 9.24
C ALA A 330 5.45 -30.02 8.39
N LEU A 331 5.63 -29.61 7.13
CA LEU A 331 6.56 -30.30 6.26
C LEU A 331 8.02 -30.04 6.64
N GLY A 332 8.28 -29.01 7.44
CA GLY A 332 9.62 -28.67 7.83
C GLY A 332 10.41 -27.93 6.78
N ASN A 333 9.82 -27.61 5.64
CA ASN A 333 10.50 -26.89 4.58
C ASN A 333 9.49 -26.17 3.71
N PRO A 334 9.64 -24.86 3.58
CA PRO A 334 8.72 -24.07 2.76
C PRO A 334 8.75 -24.54 1.24
N GLN A 335 9.87 -25.04 0.77
CA GLN A 335 9.96 -25.48 -0.64
C GLN A 335 8.96 -26.63 -0.96
N GLU A 336 8.82 -27.54 -0.01
CA GLU A 336 7.82 -28.69 -0.14
C GLU A 336 6.28 -28.30 -0.16
N VAL A 337 5.88 -27.09 0.26
CA VAL A 337 4.42 -26.76 0.25
C VAL A 337 3.79 -26.90 -1.19
N GLY A 338 4.49 -26.43 -2.23
CA GLY A 338 3.93 -26.49 -3.57
C GLY A 338 3.66 -27.93 -4.09
N PRO A 339 4.68 -28.78 -3.96
CA PRO A 339 4.50 -30.19 -4.35
C PRO A 339 3.38 -30.90 -3.62
N LEU A 340 3.23 -30.69 -2.31
CA LEU A 340 2.17 -31.37 -1.58
C LEU A 340 0.80 -30.85 -2.02
N LEU A 341 0.66 -29.54 -2.23
CA LEU A 341 -0.62 -29.01 -2.67
C LEU A 341 -1.01 -29.57 -4.03
N ASN A 342 -0.06 -29.68 -4.96
CA ASN A 342 -0.37 -30.25 -6.27
C ASN A 342 -0.77 -31.71 -6.15
N THR A 343 -0.03 -32.47 -5.34
CA THR A 343 -0.38 -33.87 -5.10
C THR A 343 -1.81 -33.98 -4.60
N MET A 344 -2.22 -33.05 -3.73
CA MET A 344 -3.55 -33.09 -3.15
C MET A 344 -4.64 -32.83 -4.20
N ILE A 345 -4.38 -31.99 -5.20
CA ILE A 345 -5.47 -31.59 -6.09
C ILE A 345 -5.46 -32.35 -7.41
N LYS A 346 -4.30 -32.65 -7.95
CA LYS A 346 -4.29 -33.22 -9.28
C LYS A 346 -5.09 -34.48 -9.37
N GLY A 347 -6.00 -34.49 -10.32
CA GLY A 347 -6.86 -35.64 -10.52
C GLY A 347 -7.84 -35.89 -9.40
N ARG A 348 -7.94 -34.99 -8.42
N ARG A 348 -7.94 -34.97 -8.44
CA ARG A 348 -8.85 -35.14 -7.30
CA ARG A 348 -8.82 -35.13 -7.29
C ARG A 348 -9.78 -33.96 -7.13
C ARG A 348 -9.77 -33.95 -7.12
N TYR A 349 -9.29 -32.72 -7.31
CA TYR A 349 -10.11 -31.54 -7.21
C TYR A 349 -10.03 -30.63 -8.43
N ASN A 350 -9.32 -31.04 -9.49
CA ASN A 350 -9.26 -30.23 -10.70
C ASN A 350 -9.72 -30.99 -11.95
N VAL B 6 -11.91 -23.40 12.50
CA VAL B 6 -12.59 -22.33 11.76
C VAL B 6 -12.09 -20.98 12.24
N LYS B 7 -12.35 -20.67 13.52
CA LYS B 7 -11.81 -19.43 14.09
C LYS B 7 -10.29 -19.41 14.01
N PHE B 8 -9.67 -20.57 14.10
CA PHE B 8 -8.24 -20.61 13.96
C PHE B 8 -7.80 -20.24 12.55
N LEU B 9 -8.50 -20.80 11.57
CA LEU B 9 -8.20 -20.60 10.15
C LEU B 9 -8.42 -19.21 9.58
N VAL B 10 -9.47 -18.54 10.04
CA VAL B 10 -9.81 -17.21 9.55
C VAL B 10 -9.03 -16.07 10.21
N GLN B 11 -8.15 -16.42 11.14
CA GLN B 11 -7.35 -15.43 11.83
C GLN B 11 -6.42 -14.69 10.88
N PHE B 12 -6.24 -13.41 11.12
CA PHE B 12 -5.41 -12.56 10.26
C PHE B 12 -4.24 -11.95 11.01
N GLY B 13 -3.16 -11.72 10.28
CA GLY B 13 -1.95 -11.13 10.79
C GLY B 13 -1.95 -9.62 10.68
N VAL B 14 -0.80 -9.01 10.95
CA VAL B 14 -0.63 -7.56 10.84
C VAL B 14 0.46 -7.18 9.85
N ASN B 15 0.75 -8.04 8.88
CA ASN B 15 1.89 -7.78 7.95
C ASN B 15 1.54 -6.71 6.94
N VAL B 16 2.47 -5.78 6.79
CA VAL B 16 2.38 -4.71 5.81
C VAL B 16 3.75 -4.55 5.14
N ASN B 17 3.78 -3.73 4.10
CA ASN B 17 5.04 -3.45 3.39
C ASN B 17 5.94 -2.54 4.22
N ALA B 18 6.38 -3.02 5.38
CA ALA B 18 7.31 -2.29 6.23
C ALA B 18 7.81 -3.24 7.32
N ALA B 19 8.83 -2.80 8.04
CA ALA B 19 9.39 -3.60 9.13
C ALA B 19 8.46 -3.56 10.34
S SO4 C . 20.82 -2.75 8.26
O1 SO4 C . 21.88 -2.27 9.17
O2 SO4 C . 20.64 -4.20 8.47
O3 SO4 C . 21.20 -2.47 6.87
O4 SO4 C . 19.57 -2.06 8.60
S SO4 D . -13.97 17.64 -4.74
O1 SO4 D . -13.22 18.36 -3.71
O2 SO4 D . -13.12 16.68 -5.41
O3 SO4 D . -14.47 18.61 -5.73
O4 SO4 D . -15.10 16.95 -4.12
S SO4 E . 12.64 0.98 11.94
O1 SO4 E . 12.51 0.99 13.39
O2 SO4 E . 13.85 0.26 11.55
O3 SO4 E . 12.74 2.36 11.46
O4 SO4 E . 11.47 0.34 11.34
S SO4 F . -17.02 -9.92 -0.09
O1 SO4 F . -17.10 -11.19 0.65
O2 SO4 F . -15.71 -9.30 0.14
O3 SO4 F . -17.19 -10.18 -1.52
O4 SO4 F . -18.06 -9.01 0.40
S SO4 G . 22.56 6.76 -13.07
O1 SO4 G . 23.13 5.42 -12.86
O2 SO4 G . 23.61 7.72 -13.41
O3 SO4 G . 21.92 7.19 -11.83
O4 SO4 G . 21.59 6.72 -14.17
S SO4 H . 8.92 10.54 -15.05
O1 SO4 H . 8.91 9.14 -14.63
O2 SO4 H . 10.31 11.01 -15.08
O3 SO4 H . 8.33 10.66 -16.39
O4 SO4 H . 8.13 11.38 -14.12
C1 GOL I . 6.65 -8.99 -9.82
O1 GOL I . 5.56 -9.42 -9.05
C2 GOL I . 6.10 -8.25 -11.02
O2 GOL I . 6.74 -8.79 -12.15
C3 GOL I . 6.41 -6.77 -10.87
O3 GOL I . 5.60 -6.02 -11.75
C1 GOL J . 5.94 11.05 18.13
O1 GOL J . 4.57 10.80 18.23
C2 GOL J . 6.49 10.43 16.85
O2 GOL J . 5.92 11.07 15.73
C3 GOL J . 6.20 8.93 16.80
O3 GOL J . 4.81 8.69 16.76
C1 GOL K . -1.20 11.81 19.88
O1 GOL K . -2.35 12.39 20.43
C2 GOL K . -1.34 10.29 19.85
O2 GOL K . -2.69 9.93 19.64
C3 GOL K . -0.48 9.69 18.74
O3 GOL K . -0.73 8.31 18.66
C1 GOL L . 3.28 2.70 -18.85
O1 GOL L . 4.33 2.48 -17.93
C2 GOL L . 3.68 3.77 -19.86
O2 GOL L . 2.55 4.07 -20.66
C3 GOL L . 4.16 5.02 -19.14
O3 GOL L . 4.39 6.05 -20.08
C1 GOL M . 14.96 18.08 18.57
O1 GOL M . 14.64 18.21 19.96
C2 GOL M . 15.08 19.47 17.97
O2 GOL M . 13.88 20.18 18.26
C3 GOL M . 15.22 19.36 16.48
O3 GOL M . 15.33 20.68 15.94
C1 OGA N . 0.37 1.59 1.79
C2 OGA N . 1.20 1.47 0.58
C4 OGA N . 2.76 2.47 -1.08
C5 OGA N . 3.04 3.81 -1.77
O1 OGA N . -0.26 0.66 2.26
O2 OGA N . 0.34 2.70 2.34
O2' OGA N . 1.20 0.38 0.02
O3 OGA N . 2.45 4.79 -1.32
N1 OGA N . 1.91 2.53 0.13
O4 OGA N . 3.82 3.89 -2.71
ZN ZN O . 0.24 -1.06 0.89
#